data_2ZSK
#
_entry.id   2ZSK
#
_cell.length_a   52.9
_cell.length_b   95.1
_cell.length_c   99.3
_cell.angle_alpha   90
_cell.angle_beta   90
_cell.angle_gamma   90
#
_symmetry.space_group_name_H-M   'P 21 21 21'
#
loop_
_entity.id
_entity.type
_entity.pdbx_description
1 polymer '226aa long hypothetical aspartate racemase'
2 water water
#
_entity_poly.entity_id   1
_entity_poly.type   'polypeptide(L)'
_entity_poly.pdbx_seq_one_letter_code
;MKKIGIIGGTTPESTLYYYKKYIEISREKFEKYFYPELIIYSINFKEFFQNPEGWEGRKKILINAAKALERAGAELIAFA
ANTPHLVFDDVQREVNVPMVSIIDAVAEEILKRGVRKVLLLGTKTTMTADFYIKTLEEKGLEVVVPNDEEKEELNRIIFE
ELAFGNLKNKEWIVRLIEKYRESEGIEGVILGCTELPLAIKQGDVSVEVFDSAEIHMRKLIELASE
;
_entity_poly.pdbx_strand_id   A,B
#
# COMPACT_ATOMS: atom_id res chain seq x y z
N MET A 1 -17.00 1.30 -15.28
CA MET A 1 -16.50 2.24 -14.24
C MET A 1 -15.20 2.95 -14.66
N LYS A 2 -15.09 4.23 -14.32
CA LYS A 2 -13.92 5.05 -14.64
C LYS A 2 -12.73 4.58 -13.81
N LYS A 3 -11.62 4.34 -14.50
CA LYS A 3 -10.42 3.88 -13.84
C LYS A 3 -9.72 5.01 -13.11
N ILE A 4 -9.37 4.73 -11.87
CA ILE A 4 -8.70 5.70 -11.02
C ILE A 4 -7.18 5.65 -11.14
N GLY A 5 -6.60 6.84 -11.19
CA GLY A 5 -5.16 6.99 -11.26
C GLY A 5 -4.71 7.87 -10.12
N ILE A 6 -3.70 7.42 -9.40
CA ILE A 6 -3.15 8.12 -8.23
C ILE A 6 -1.66 8.33 -8.37
N ILE A 7 -1.25 9.57 -8.16
CA ILE A 7 0.15 9.94 -8.22
C ILE A 7 0.64 9.91 -6.80
N GLY A 8 1.49 8.93 -6.50
CA GLY A 8 2.02 8.81 -5.16
C GLY A 8 3.52 8.97 -5.13
N GLY A 9 4.15 8.31 -4.17
CA GLY A 9 5.58 8.41 -4.03
C GLY A 9 5.90 9.66 -3.23
N THR A 10 4.94 10.58 -3.18
CA THR A 10 5.10 11.83 -2.45
C THR A 10 4.96 11.46 -0.99
N THR A 11 5.81 10.50 -0.67
CA THR A 11 5.93 9.86 0.61
C THR A 11 5.10 8.63 0.48
N PRO A 12 5.79 7.51 0.27
CA PRO A 12 5.13 6.22 0.14
C PRO A 12 4.19 5.92 1.32
N GLU A 13 4.56 6.41 2.51
CA GLU A 13 3.74 6.18 3.70
C GLU A 13 2.31 6.66 3.41
N SER A 14 2.24 7.83 2.79
CA SER A 14 0.98 8.44 2.45
C SER A 14 0.22 7.63 1.41
N THR A 15 0.94 7.14 0.40
CA THR A 15 0.32 6.33 -0.66
C THR A 15 -0.17 5.03 -0.04
N LEU A 16 0.62 4.46 0.87
CA LEU A 16 0.26 3.21 1.54
C LEU A 16 -1.08 3.36 2.25
N TYR A 17 -1.26 4.51 2.90
CA TYR A 17 -2.48 4.79 3.64
C TYR A 17 -3.67 4.90 2.69
N TYR A 18 -3.48 5.57 1.55
CA TYR A 18 -4.56 5.70 0.59
C TYR A 18 -5.05 4.33 0.16
N TYR A 19 -4.11 3.44 -0.14
CA TYR A 19 -4.49 2.10 -0.59
C TYR A 19 -5.31 1.37 0.46
N LYS A 20 -4.91 1.53 1.72
CA LYS A 20 -5.62 0.88 2.82
C LYS A 20 -7.06 1.42 2.85
N LYS A 21 -7.20 2.74 2.78
CA LYS A 21 -8.54 3.34 2.80
C LYS A 21 -9.32 2.85 1.59
N TYR A 22 -8.62 2.65 0.48
CA TYR A 22 -9.23 2.17 -0.77
C TYR A 22 -9.84 0.78 -0.56
N ILE A 23 -9.12 -0.05 0.20
CA ILE A 23 -9.58 -1.40 0.49
C ILE A 23 -10.80 -1.32 1.42
N GLU A 24 -10.68 -0.58 2.51
CA GLU A 24 -11.77 -0.41 3.46
C GLU A 24 -13.05 0.08 2.79
N ILE A 25 -12.96 1.23 2.12
CA ILE A 25 -14.09 1.85 1.44
C ILE A 25 -14.78 0.92 0.45
N SER A 26 -14.00 0.14 -0.30
CA SER A 26 -14.55 -0.80 -1.28
C SER A 26 -15.37 -1.91 -0.63
N ARG A 27 -14.83 -2.53 0.41
CA ARG A 27 -15.53 -3.61 1.10
C ARG A 27 -16.85 -3.09 1.67
N GLU A 28 -16.82 -1.81 2.02
CA GLU A 28 -17.98 -1.15 2.61
C GLU A 28 -19.03 -0.68 1.61
N LYS A 29 -18.60 -0.35 0.40
CA LYS A 29 -19.52 0.16 -0.57
C LYS A 29 -20.06 -0.87 -1.58
N PHE A 30 -19.25 -1.83 -2.00
CA PHE A 30 -19.71 -2.80 -2.99
C PHE A 30 -19.87 -4.24 -2.50
N GLU A 31 -20.11 -5.13 -3.46
CA GLU A 31 -20.28 -6.55 -3.17
C GLU A 31 -18.94 -7.14 -2.75
N LYS A 32 -18.92 -8.43 -2.47
CA LYS A 32 -17.68 -9.08 -2.04
C LYS A 32 -16.70 -9.26 -3.19
N TYR A 33 -15.42 -9.06 -2.87
CA TYR A 33 -14.32 -9.18 -3.81
C TYR A 33 -14.22 -8.02 -4.79
N PHE A 34 -15.21 -7.13 -4.76
CA PHE A 34 -15.24 -5.98 -5.67
C PHE A 34 -14.41 -4.78 -5.28
N TYR A 35 -13.46 -4.43 -6.16
CA TYR A 35 -12.60 -3.28 -5.97
C TYR A 35 -12.43 -2.59 -7.31
N PRO A 36 -12.89 -1.33 -7.41
CA PRO A 36 -12.77 -0.58 -8.66
C PRO A 36 -11.32 -0.38 -9.11
N GLU A 37 -11.04 -0.71 -10.37
CA GLU A 37 -9.70 -0.58 -10.93
C GLU A 37 -8.97 0.68 -10.48
N LEU A 38 -7.77 0.50 -9.94
CA LEU A 38 -6.98 1.63 -9.45
C LEU A 38 -5.53 1.49 -9.88
N ILE A 39 -4.99 2.55 -10.47
CA ILE A 39 -3.60 2.55 -10.91
C ILE A 39 -2.84 3.57 -10.07
N ILE A 40 -1.60 3.23 -9.73
CA ILE A 40 -0.76 4.10 -8.91
C ILE A 40 0.62 4.29 -9.50
N TYR A 41 1.08 5.54 -9.51
CA TYR A 41 2.43 5.85 -9.99
C TYR A 41 3.14 6.41 -8.78
N SER A 42 4.05 5.61 -8.23
CA SER A 42 4.79 6.03 -7.06
C SER A 42 6.13 6.58 -7.53
N ILE A 43 6.29 7.90 -7.45
CA ILE A 43 7.52 8.56 -7.90
C ILE A 43 8.63 8.49 -6.87
N ASN A 44 9.86 8.66 -7.31
CA ASN A 44 11.01 8.64 -6.41
C ASN A 44 10.95 9.92 -5.56
N PHE A 45 10.53 9.78 -4.30
CA PHE A 45 10.42 10.93 -3.40
C PHE A 45 11.68 11.80 -3.31
N LYS A 46 12.85 11.19 -3.42
CA LYS A 46 14.09 11.96 -3.33
C LYS A 46 14.20 13.02 -4.45
N GLU A 47 13.89 12.61 -5.68
CA GLU A 47 13.95 13.53 -6.81
C GLU A 47 12.76 14.49 -6.82
N PHE A 48 11.91 14.41 -5.80
CA PHE A 48 10.75 15.29 -5.70
C PHE A 48 10.93 16.28 -4.54
N PHE A 49 11.13 15.74 -3.34
CA PHE A 49 11.30 16.55 -2.15
C PHE A 49 12.50 17.49 -2.25
N GLN A 50 13.62 16.95 -2.71
CA GLN A 50 14.84 17.75 -2.85
C GLN A 50 15.16 17.98 -4.32
N ASN A 51 14.31 18.76 -4.98
CA ASN A 51 14.50 19.05 -6.39
C ASN A 51 15.26 20.38 -6.58
N PRO A 52 16.33 20.36 -7.39
CA PRO A 52 17.12 21.57 -7.64
C PRO A 52 16.35 22.68 -8.36
N GLU A 53 15.24 22.31 -9.01
CA GLU A 53 14.43 23.30 -9.72
C GLU A 53 13.15 23.64 -8.96
N GLY A 54 13.15 23.38 -7.66
CA GLY A 54 11.98 23.67 -6.84
C GLY A 54 10.69 23.15 -7.43
N TRP A 55 9.61 23.93 -7.29
CA TRP A 55 8.31 23.54 -7.82
C TRP A 55 8.33 23.48 -9.34
N GLU A 56 9.29 24.15 -9.96
CA GLU A 56 9.32 24.11 -11.41
C GLU A 56 9.66 22.71 -11.87
N GLY A 57 10.50 22.03 -11.08
CA GLY A 57 10.88 20.67 -11.40
C GLY A 57 9.85 19.68 -10.90
N ARG A 58 9.19 20.04 -9.80
CA ARG A 58 8.16 19.17 -9.22
C ARG A 58 6.96 19.05 -10.16
N LYS A 59 6.61 20.16 -10.81
CA LYS A 59 5.48 20.14 -11.73
C LYS A 59 5.78 19.23 -12.91
N LYS A 60 7.03 19.22 -13.36
CA LYS A 60 7.39 18.36 -14.48
C LYS A 60 7.19 16.90 -14.13
N ILE A 61 7.63 16.53 -12.93
CA ILE A 61 7.53 15.16 -12.45
C ILE A 61 6.07 14.71 -12.30
N LEU A 62 5.26 15.56 -11.67
CA LEU A 62 3.85 15.28 -11.46
C LEU A 62 3.13 15.12 -12.80
N ILE A 63 3.36 16.06 -13.70
CA ILE A 63 2.73 15.97 -15.01
C ILE A 63 3.14 14.69 -15.70
N ASN A 64 4.41 14.32 -15.57
CA ASN A 64 4.97 13.12 -16.18
C ASN A 64 4.22 11.86 -15.72
N ALA A 65 4.06 11.74 -14.40
CA ALA A 65 3.39 10.60 -13.81
C ALA A 65 1.93 10.59 -14.25
N ALA A 66 1.32 11.78 -14.25
CA ALA A 66 -0.06 11.93 -14.66
C ALA A 66 -0.25 11.42 -16.08
N LYS A 67 0.65 11.78 -17.00
CA LYS A 67 0.51 11.30 -18.38
C LYS A 67 0.70 9.79 -18.44
N ALA A 68 1.61 9.27 -17.62
CA ALA A 68 1.85 7.83 -17.59
C ALA A 68 0.54 7.15 -17.18
N LEU A 69 -0.07 7.63 -16.09
CA LEU A 69 -1.34 7.06 -15.63
C LEU A 69 -2.37 7.09 -16.76
N GLU A 70 -2.45 8.20 -17.51
CA GLU A 70 -3.40 8.30 -18.63
C GLU A 70 -3.11 7.24 -19.67
N ARG A 71 -1.83 7.05 -19.96
CA ARG A 71 -1.43 6.06 -20.94
C ARG A 71 -1.82 4.66 -20.52
N ALA A 72 -1.89 4.45 -19.20
CA ALA A 72 -2.25 3.15 -18.64
C ALA A 72 -3.78 3.00 -18.59
N GLY A 73 -4.50 4.11 -18.79
CA GLY A 73 -5.95 4.05 -18.80
C GLY A 73 -6.70 4.83 -17.73
N ALA A 74 -5.97 5.57 -16.91
CA ALA A 74 -6.65 6.33 -15.85
C ALA A 74 -7.56 7.42 -16.43
N GLU A 75 -8.82 7.38 -16.04
CA GLU A 75 -9.78 8.36 -16.52
C GLU A 75 -10.06 9.41 -15.46
N LEU A 76 -9.52 9.18 -14.26
CA LEU A 76 -9.70 10.08 -13.12
C LEU A 76 -8.39 10.04 -12.31
N ILE A 77 -7.70 11.17 -12.25
CA ILE A 77 -6.41 11.26 -11.56
C ILE A 77 -6.45 12.10 -10.27
N ALA A 78 -5.53 11.82 -9.35
CA ALA A 78 -5.46 12.57 -8.10
C ALA A 78 -4.09 12.42 -7.42
N PHE A 79 -3.73 13.43 -6.63
CA PHE A 79 -2.48 13.47 -5.87
C PHE A 79 -2.75 12.80 -4.53
N ALA A 80 -1.93 11.82 -4.16
CA ALA A 80 -2.08 11.14 -2.87
C ALA A 80 -1.17 11.87 -1.89
N ALA A 81 -1.38 13.18 -1.73
CA ALA A 81 -0.56 13.97 -0.81
C ALA A 81 -1.08 15.40 -0.71
N ASN A 82 -0.57 16.18 0.24
CA ASN A 82 -1.06 17.55 0.38
C ASN A 82 -0.33 18.64 -0.37
N THR A 83 0.97 18.76 -0.12
CA THR A 83 1.76 19.81 -0.76
C THR A 83 1.66 19.83 -2.29
N PRO A 84 1.69 18.65 -2.93
CA PRO A 84 1.59 18.66 -4.40
C PRO A 84 0.42 19.53 -4.90
N HIS A 85 -0.58 19.73 -4.04
CA HIS A 85 -1.76 20.54 -4.37
C HIS A 85 -1.46 22.01 -4.49
N LEU A 86 -0.22 22.38 -4.16
CA LEU A 86 0.21 23.76 -4.25
C LEU A 86 0.32 24.13 -5.74
N VAL A 87 0.40 23.13 -6.61
CA VAL A 87 0.47 23.38 -8.06
C VAL A 87 -0.54 22.55 -8.82
N PHE A 88 -1.72 22.40 -8.22
CA PHE A 88 -2.80 21.61 -8.81
C PHE A 88 -3.25 22.16 -10.17
N ASP A 89 -3.40 23.48 -10.24
CA ASP A 89 -3.86 24.15 -11.45
C ASP A 89 -2.90 23.94 -12.61
N ASP A 90 -1.61 24.14 -12.38
CA ASP A 90 -0.61 23.95 -13.42
C ASP A 90 -0.70 22.53 -14.00
N VAL A 91 -0.63 21.52 -13.13
CA VAL A 91 -0.71 20.13 -13.54
C VAL A 91 -2.00 19.77 -14.30
N GLN A 92 -3.14 20.29 -13.83
CA GLN A 92 -4.44 20.02 -14.46
C GLN A 92 -4.50 20.59 -15.88
N ARG A 93 -3.81 21.70 -16.12
CA ARG A 93 -3.80 22.31 -17.45
C ARG A 93 -3.20 21.39 -18.50
N GLU A 94 -2.29 20.51 -18.07
CA GLU A 94 -1.61 19.58 -18.96
C GLU A 94 -2.17 18.17 -18.92
N VAL A 95 -3.00 17.89 -17.92
CA VAL A 95 -3.57 16.57 -17.78
C VAL A 95 -4.90 16.54 -18.51
N ASN A 96 -4.97 15.69 -19.54
CA ASN A 96 -6.16 15.60 -20.37
C ASN A 96 -7.26 14.72 -19.81
N VAL A 97 -7.27 14.64 -18.48
CA VAL A 97 -8.24 13.86 -17.73
C VAL A 97 -8.58 14.63 -16.44
N PRO A 98 -9.86 14.64 -16.04
CA PRO A 98 -10.28 15.36 -14.83
C PRO A 98 -9.48 14.91 -13.60
N MET A 99 -9.11 15.85 -12.75
CA MET A 99 -8.36 15.55 -11.54
C MET A 99 -9.26 15.92 -10.34
N VAL A 100 -9.16 15.18 -9.24
CA VAL A 100 -9.98 15.45 -8.06
C VAL A 100 -9.09 16.01 -6.96
N SER A 101 -9.39 17.25 -6.56
CA SER A 101 -8.63 17.94 -5.54
C SER A 101 -9.01 17.50 -4.12
N ILE A 102 -8.01 17.21 -3.30
CA ILE A 102 -8.28 16.81 -1.94
C ILE A 102 -9.00 17.94 -1.20
N ILE A 103 -8.60 19.18 -1.48
CA ILE A 103 -9.22 20.32 -0.82
C ILE A 103 -10.73 20.39 -1.12
N ASP A 104 -11.09 20.18 -2.39
CA ASP A 104 -12.50 20.20 -2.77
C ASP A 104 -13.22 19.06 -2.11
N ALA A 105 -12.57 17.92 -2.04
CA ALA A 105 -13.19 16.75 -1.43
C ALA A 105 -13.49 16.99 0.05
N VAL A 106 -12.54 17.55 0.79
CA VAL A 106 -12.73 17.79 2.22
C VAL A 106 -13.75 18.90 2.47
N ALA A 107 -13.61 20.03 1.78
CA ALA A 107 -14.54 21.15 1.97
C ALA A 107 -15.95 20.67 1.67
N GLU A 108 -16.09 19.79 0.69
CA GLU A 108 -17.42 19.30 0.39
C GLU A 108 -17.95 18.50 1.56
N GLU A 109 -17.17 17.55 2.08
CA GLU A 109 -17.61 16.75 3.21
C GLU A 109 -17.92 17.60 4.43
N ILE A 110 -17.02 18.54 4.74
CA ILE A 110 -17.20 19.40 5.89
C ILE A 110 -18.54 20.14 5.80
N LEU A 111 -18.77 20.80 4.67
CA LEU A 111 -20.00 21.53 4.44
C LEU A 111 -21.22 20.63 4.43
N LYS A 112 -21.03 19.40 3.98
CA LYS A 112 -22.13 18.44 3.92
C LYS A 112 -22.59 17.97 5.31
N ARG A 113 -21.64 17.84 6.24
CA ARG A 113 -21.97 17.40 7.60
C ARG A 113 -22.50 18.56 8.44
N GLY A 114 -22.64 19.71 7.79
CA GLY A 114 -23.18 20.88 8.45
C GLY A 114 -22.25 21.74 9.27
N VAL A 115 -20.94 21.45 9.27
CA VAL A 115 -20.03 22.29 10.05
C VAL A 115 -19.48 23.42 9.18
N ARG A 116 -19.12 24.53 9.82
CA ARG A 116 -18.60 25.66 9.07
C ARG A 116 -17.27 26.19 9.60
N LYS A 117 -16.90 25.76 10.81
CA LYS A 117 -15.65 26.19 11.43
C LYS A 117 -14.90 24.95 11.93
N VAL A 118 -13.64 24.79 11.52
CA VAL A 118 -12.86 23.62 11.90
C VAL A 118 -11.43 23.89 12.35
N LEU A 119 -10.87 22.94 13.08
CA LEU A 119 -9.49 23.02 13.55
C LEU A 119 -8.64 22.20 12.58
N LEU A 120 -7.68 22.83 11.92
CA LEU A 120 -6.82 22.10 10.98
C LEU A 120 -5.59 21.56 11.70
N LEU A 121 -5.47 20.24 11.77
CA LEU A 121 -4.33 19.62 12.42
C LEU A 121 -3.49 18.85 11.42
N GLY A 122 -2.20 18.73 11.73
CA GLY A 122 -1.27 18.01 10.88
C GLY A 122 0.13 18.42 11.27
N THR A 123 1.11 18.14 10.42
CA THR A 123 2.50 18.52 10.71
C THR A 123 2.58 20.05 10.73
N LYS A 124 3.66 20.59 11.26
CA LYS A 124 3.84 22.03 11.29
C LYS A 124 3.68 22.61 9.88
N THR A 125 4.14 21.84 8.89
CA THR A 125 4.07 22.23 7.49
C THR A 125 2.62 22.33 6.99
N THR A 126 1.82 21.30 7.25
CA THR A 126 0.42 21.29 6.82
C THR A 126 -0.48 22.27 7.58
N MET A 127 -0.04 22.69 8.77
CA MET A 127 -0.78 23.64 9.59
C MET A 127 -0.38 25.08 9.24
N THR A 128 0.64 25.22 8.40
CA THR A 128 1.12 26.53 7.98
C THR A 128 1.02 26.71 6.47
N ALA A 129 0.45 25.71 5.80
CA ALA A 129 0.26 25.75 4.35
C ALA A 129 -0.79 26.82 4.01
N ASP A 130 -0.33 28.02 3.74
CA ASP A 130 -1.22 29.12 3.43
C ASP A 130 -2.21 28.83 2.31
N PHE A 131 -1.74 28.27 1.21
CA PHE A 131 -2.63 27.99 0.10
C PHE A 131 -3.72 27.01 0.54
N TYR A 132 -3.35 26.06 1.38
CA TYR A 132 -4.32 25.08 1.87
C TYR A 132 -5.39 25.78 2.69
N ILE A 133 -4.96 26.54 3.70
CA ILE A 133 -5.91 27.26 4.57
C ILE A 133 -6.75 28.27 3.79
N LYS A 134 -6.10 28.96 2.85
CA LYS A 134 -6.77 29.97 2.04
C LYS A 134 -7.75 29.36 1.05
N THR A 135 -7.34 28.27 0.39
CA THR A 135 -8.22 27.63 -0.58
C THR A 135 -9.43 27.02 0.10
N LEU A 136 -9.21 26.52 1.31
CA LEU A 136 -10.25 25.88 2.09
C LEU A 136 -11.28 26.92 2.56
N GLU A 137 -10.81 28.06 3.04
CA GLU A 137 -11.71 29.11 3.50
C GLU A 137 -12.55 29.73 2.38
N GLU A 138 -11.96 29.88 1.20
CA GLU A 138 -12.69 30.44 0.09
C GLU A 138 -13.88 29.56 -0.27
N LYS A 139 -13.91 28.33 0.22
CA LYS A 139 -15.02 27.44 -0.07
C LYS A 139 -16.21 27.74 0.84
N GLY A 140 -15.97 28.51 1.91
CA GLY A 140 -17.05 28.86 2.82
C GLY A 140 -16.89 28.32 4.22
N LEU A 141 -15.64 28.19 4.66
CA LEU A 141 -15.33 27.69 5.99
C LEU A 141 -14.33 28.60 6.70
N GLU A 142 -14.23 28.46 8.02
CA GLU A 142 -13.27 29.23 8.78
C GLU A 142 -12.34 28.22 9.43
N VAL A 143 -11.08 28.25 9.03
CA VAL A 143 -10.07 27.33 9.53
C VAL A 143 -9.22 27.96 10.62
N VAL A 144 -9.10 27.26 11.73
CA VAL A 144 -8.30 27.72 12.84
C VAL A 144 -7.11 26.76 12.99
N VAL A 145 -6.01 27.26 13.50
CA VAL A 145 -4.82 26.45 13.69
C VAL A 145 -4.26 26.69 15.09
N PRO A 146 -3.67 25.64 15.70
CA PRO A 146 -3.08 25.75 17.04
C PRO A 146 -1.94 26.76 17.05
N ASN A 147 -1.61 27.28 18.23
CA ASN A 147 -0.53 28.27 18.35
C ASN A 147 0.80 27.62 18.00
N ASP A 148 1.77 28.44 17.62
CA ASP A 148 3.09 27.92 17.24
C ASP A 148 3.67 26.91 18.24
N GLU A 149 3.30 27.03 19.51
CA GLU A 149 3.82 26.13 20.52
C GLU A 149 3.20 24.73 20.39
N GLU A 150 1.88 24.68 20.20
CA GLU A 150 1.18 23.41 20.04
C GLU A 150 1.52 22.73 18.72
N LYS A 151 1.90 23.50 17.69
CA LYS A 151 2.26 22.91 16.40
C LYS A 151 3.55 22.10 16.52
N GLU A 152 4.52 22.62 17.25
CA GLU A 152 5.79 21.90 17.41
C GLU A 152 5.58 20.61 18.18
N GLU A 153 4.76 20.66 19.23
CA GLU A 153 4.49 19.47 20.03
C GLU A 153 3.73 18.43 19.22
N LEU A 154 2.66 18.86 18.55
CA LEU A 154 1.84 17.99 17.74
C LEU A 154 2.69 17.39 16.62
N ASN A 155 3.62 18.19 16.12
CA ASN A 155 4.51 17.73 15.06
C ASN A 155 5.50 16.70 15.59
N ARG A 156 6.02 16.95 16.79
CA ARG A 156 6.97 16.03 17.42
C ARG A 156 6.30 14.67 17.59
N ILE A 157 5.10 14.70 18.15
CA ILE A 157 4.31 13.49 18.40
C ILE A 157 4.11 12.66 17.13
N ILE A 158 3.72 13.32 16.06
CA ILE A 158 3.49 12.63 14.79
C ILE A 158 4.75 11.98 14.26
N PHE A 159 5.87 12.70 14.35
CA PHE A 159 7.16 12.21 13.88
C PHE A 159 7.85 11.17 14.77
N GLU A 160 7.89 11.43 16.06
CA GLU A 160 8.54 10.53 17.01
C GLU A 160 7.70 9.42 17.62
N GLU A 161 6.38 9.51 17.50
CA GLU A 161 5.50 8.50 18.08
C GLU A 161 4.49 7.87 17.11
N LEU A 162 3.57 8.66 16.56
CA LEU A 162 2.57 8.10 15.65
C LEU A 162 3.21 7.42 14.44
N ALA A 163 4.33 7.96 13.98
CA ALA A 163 5.03 7.37 12.85
C ALA A 163 5.51 5.95 13.17
N PHE A 164 5.49 5.59 14.45
CA PHE A 164 5.93 4.25 14.86
C PHE A 164 4.79 3.42 15.40
N GLY A 165 3.58 3.99 15.40
CA GLY A 165 2.43 3.27 15.89
C GLY A 165 2.25 3.40 17.39
N ASN A 166 2.95 4.36 18.01
CA ASN A 166 2.86 4.60 19.46
C ASN A 166 1.84 5.69 19.77
N LEU A 167 0.75 5.33 20.47
CA LEU A 167 -0.27 6.32 20.81
C LEU A 167 -0.15 6.90 22.22
N LYS A 168 1.07 6.90 22.75
CA LYS A 168 1.36 7.41 24.07
C LYS A 168 0.77 8.79 24.43
N ASN A 169 0.76 9.70 23.46
CA ASN A 169 0.23 11.04 23.71
C ASN A 169 -1.14 11.28 23.05
N LYS A 170 -1.95 10.24 22.93
CA LYS A 170 -3.26 10.38 22.33
C LYS A 170 -4.12 11.40 23.09
N GLU A 171 -4.26 11.19 24.39
CA GLU A 171 -5.05 12.08 25.23
C GLU A 171 -4.66 13.54 25.02
N TRP A 172 -3.38 13.81 24.82
CA TRP A 172 -2.90 15.18 24.61
C TRP A 172 -3.51 15.77 23.34
N ILE A 173 -3.64 14.95 22.30
CA ILE A 173 -4.21 15.41 21.05
C ILE A 173 -5.71 15.65 21.24
N VAL A 174 -6.35 14.83 22.07
CA VAL A 174 -7.78 14.98 22.34
C VAL A 174 -8.09 16.29 23.07
N ARG A 175 -7.26 16.65 24.05
CA ARG A 175 -7.44 17.88 24.82
C ARG A 175 -7.21 19.08 23.92
N LEU A 176 -6.30 18.92 22.96
CA LEU A 176 -5.99 20.01 22.04
C LEU A 176 -7.26 20.37 21.26
N ILE A 177 -7.96 19.36 20.75
CA ILE A 177 -9.19 19.55 19.97
C ILE A 177 -10.38 19.97 20.82
N GLU A 178 -10.43 19.50 22.06
CA GLU A 178 -11.54 19.89 22.93
C GLU A 178 -11.31 21.31 23.41
N LYS A 179 -10.04 21.71 23.48
CA LYS A 179 -9.75 23.07 23.91
C LYS A 179 -10.33 24.06 22.90
N TYR A 180 -10.01 23.91 21.62
CA TYR A 180 -10.53 24.84 20.62
C TYR A 180 -12.05 24.75 20.42
N ARG A 181 -12.65 23.65 20.85
CA ARG A 181 -14.09 23.47 20.72
C ARG A 181 -14.77 24.40 21.72
N GLU A 182 -14.13 24.55 22.88
CA GLU A 182 -14.64 25.38 23.95
C GLU A 182 -14.04 26.78 23.82
N SER A 183 -12.89 26.87 23.16
CA SER A 183 -12.19 28.14 22.95
C SER A 183 -12.76 28.96 21.80
N GLU A 184 -12.70 28.41 20.59
CA GLU A 184 -13.21 29.09 19.40
C GLU A 184 -14.43 28.41 18.82
N GLY A 185 -15.05 27.56 19.62
CA GLY A 185 -16.24 26.85 19.18
C GLY A 185 -16.18 26.21 17.82
N ILE A 186 -15.16 25.39 17.57
CA ILE A 186 -15.03 24.70 16.29
C ILE A 186 -16.08 23.61 16.28
N GLU A 187 -16.56 23.21 15.10
CA GLU A 187 -17.55 22.17 15.03
C GLU A 187 -16.96 20.88 14.46
N GLY A 188 -15.65 20.87 14.25
CA GLY A 188 -15.01 19.69 13.71
C GLY A 188 -13.52 19.89 13.54
N VAL A 189 -12.80 18.80 13.32
CA VAL A 189 -11.37 18.90 13.12
C VAL A 189 -10.95 18.19 11.82
N ILE A 190 -9.88 18.68 11.21
CA ILE A 190 -9.38 18.07 9.98
C ILE A 190 -8.04 17.38 10.21
N LEU A 191 -7.97 16.10 9.90
CA LEU A 191 -6.71 15.39 10.05
C LEU A 191 -5.92 15.51 8.74
N GLY A 192 -5.05 16.51 8.67
CA GLY A 192 -4.27 16.77 7.47
C GLY A 192 -3.07 15.88 7.18
N CYS A 193 -2.99 14.73 7.85
CA CYS A 193 -1.90 13.82 7.59
C CYS A 193 -2.42 12.42 7.81
N THR A 194 -1.71 11.42 7.32
CA THR A 194 -2.15 10.04 7.43
C THR A 194 -1.74 9.37 8.74
N GLU A 195 -1.03 10.12 9.58
CA GLU A 195 -0.58 9.60 10.85
C GLU A 195 -1.59 9.92 11.96
N LEU A 196 -2.22 11.08 11.85
CA LEU A 196 -3.20 11.51 12.84
C LEU A 196 -4.43 10.58 12.98
N PRO A 197 -4.92 10.00 11.86
CA PRO A 197 -6.09 9.10 11.94
C PRO A 197 -5.95 7.91 12.88
N LEU A 198 -4.71 7.48 13.16
CA LEU A 198 -4.51 6.35 14.05
C LEU A 198 -4.72 6.73 15.51
N ALA A 199 -4.62 8.03 15.81
CA ALA A 199 -4.79 8.54 17.17
C ALA A 199 -6.18 9.10 17.47
N ILE A 200 -6.79 9.79 16.49
CA ILE A 200 -8.13 10.39 16.67
C ILE A 200 -9.20 9.88 15.71
N LYS A 201 -10.18 9.16 16.23
CA LYS A 201 -11.27 8.64 15.40
C LYS A 201 -12.57 9.37 15.73
N GLN A 202 -13.57 9.21 14.86
CA GLN A 202 -14.84 9.88 15.03
C GLN A 202 -15.39 9.91 16.44
N GLY A 203 -15.45 8.77 17.11
CA GLY A 203 -15.96 8.75 18.46
C GLY A 203 -14.92 9.02 19.55
N ASP A 204 -14.04 9.99 19.34
CA ASP A 204 -13.02 10.30 20.34
C ASP A 204 -13.10 11.74 20.80
N VAL A 205 -13.80 12.57 20.03
CA VAL A 205 -13.95 13.97 20.37
C VAL A 205 -15.39 14.40 20.21
N SER A 206 -15.74 15.52 20.84
CA SER A 206 -17.11 16.01 20.78
C SER A 206 -17.45 16.60 19.42
N VAL A 207 -16.46 16.73 18.54
CA VAL A 207 -16.71 17.28 17.22
C VAL A 207 -16.52 16.26 16.12
N GLU A 208 -16.89 16.66 14.90
CA GLU A 208 -16.75 15.81 13.73
C GLU A 208 -15.27 15.59 13.33
N VAL A 209 -14.90 14.35 13.04
CA VAL A 209 -13.53 14.03 12.63
C VAL A 209 -13.49 13.84 11.10
N PHE A 210 -12.59 14.56 10.44
CA PHE A 210 -12.45 14.49 8.99
C PHE A 210 -11.11 13.92 8.57
N ASP A 211 -11.10 12.62 8.32
CA ASP A 211 -9.88 11.93 7.87
C ASP A 211 -9.68 12.32 6.39
N SER A 212 -8.90 13.38 6.19
CA SER A 212 -8.57 13.96 4.90
C SER A 212 -8.32 12.95 3.77
N ALA A 213 -7.34 12.06 3.93
CA ALA A 213 -7.04 11.08 2.89
C ALA A 213 -8.20 10.11 2.67
N GLU A 214 -8.95 9.81 3.73
CA GLU A 214 -10.08 8.89 3.60
C GLU A 214 -11.20 9.51 2.76
N ILE A 215 -11.49 10.78 3.03
CA ILE A 215 -12.53 11.52 2.32
C ILE A 215 -12.16 11.60 0.82
N HIS A 216 -10.87 11.81 0.57
CA HIS A 216 -10.35 11.92 -0.78
C HIS A 216 -10.58 10.62 -1.54
N MET A 217 -10.19 9.51 -0.93
CA MET A 217 -10.38 8.22 -1.59
C MET A 217 -11.88 7.94 -1.80
N ARG A 218 -12.75 8.42 -0.92
CA ARG A 218 -14.19 8.18 -1.08
C ARG A 218 -14.73 8.97 -2.27
N LYS A 219 -14.18 10.15 -2.50
CA LYS A 219 -14.65 10.96 -3.61
C LYS A 219 -14.21 10.25 -4.89
N LEU A 220 -12.93 9.89 -4.93
CA LEU A 220 -12.37 9.17 -6.07
C LEU A 220 -13.23 7.95 -6.43
N ILE A 221 -13.50 7.11 -5.43
CA ILE A 221 -14.31 5.91 -5.65
C ILE A 221 -15.76 6.27 -5.99
N GLU A 222 -16.23 7.38 -5.45
CA GLU A 222 -17.58 7.82 -5.72
C GLU A 222 -17.65 8.19 -7.21
N LEU A 223 -16.79 9.11 -7.65
CA LEU A 223 -16.81 9.51 -9.06
C LEU A 223 -16.49 8.36 -10.00
N ALA A 224 -15.63 7.46 -9.53
CA ALA A 224 -15.21 6.31 -10.33
C ALA A 224 -16.32 5.28 -10.52
N SER A 225 -17.30 5.30 -9.63
CA SER A 225 -18.40 4.35 -9.70
C SER A 225 -19.51 4.84 -10.61
N GLU A 226 -19.49 6.13 -10.90
CA GLU A 226 -20.48 6.75 -11.77
C GLU A 226 -20.35 6.18 -13.17
N MET B 1 15.75 4.83 -12.49
CA MET B 1 16.29 3.63 -13.18
C MET B 1 15.18 2.86 -13.89
N LYS B 2 15.32 1.52 -13.97
CA LYS B 2 14.30 0.68 -14.63
C LYS B 2 13.00 0.74 -13.82
N LYS B 3 11.97 1.32 -14.43
CA LYS B 3 10.69 1.45 -13.74
C LYS B 3 10.08 0.08 -13.45
N ILE B 4 9.61 -0.08 -12.22
CA ILE B 4 9.00 -1.33 -11.76
C ILE B 4 7.48 -1.37 -11.96
N GLY B 5 7.01 -2.49 -12.49
CA GLY B 5 5.60 -2.68 -12.70
C GLY B 5 5.08 -3.85 -11.89
N ILE B 6 3.97 -3.63 -11.20
CA ILE B 6 3.38 -4.67 -10.38
C ILE B 6 1.89 -4.85 -10.66
N ILE B 7 1.55 -6.07 -11.06
CA ILE B 7 0.17 -6.42 -11.33
C ILE B 7 -0.39 -6.83 -9.97
N GLY B 8 -1.32 -6.01 -9.46
CA GLY B 8 -1.90 -6.27 -8.16
C GLY B 8 -3.40 -6.41 -8.14
N GLY B 9 -3.99 -6.21 -6.96
CA GLY B 9 -5.43 -6.36 -6.82
C GLY B 9 -5.81 -7.81 -6.65
N THR B 10 -4.83 -8.71 -6.84
CA THR B 10 -5.01 -10.15 -6.69
C THR B 10 -5.00 -10.29 -5.19
N THR B 11 -5.89 -9.50 -4.62
CA THR B 11 -6.10 -9.37 -3.22
C THR B 11 -5.31 -8.15 -2.87
N PRO B 12 -6.02 -7.04 -2.70
CA PRO B 12 -5.36 -5.78 -2.36
C PRO B 12 -4.53 -6.01 -1.11
N GLU B 13 -4.99 -6.88 -0.22
CA GLU B 13 -4.25 -7.15 1.02
C GLU B 13 -2.82 -7.53 0.67
N SER B 14 -2.69 -8.42 -0.30
CA SER B 14 -1.38 -8.87 -0.74
C SER B 14 -0.58 -7.75 -1.41
N THR B 15 -1.27 -6.86 -2.12
CA THR B 15 -0.61 -5.76 -2.79
C THR B 15 -0.11 -4.75 -1.78
N LEU B 16 -0.86 -4.59 -0.69
CA LEU B 16 -0.51 -3.67 0.38
C LEU B 16 0.80 -4.14 1.03
N TYR B 17 0.97 -5.44 1.17
CA TYR B 17 2.16 -5.99 1.79
C TYR B 17 3.37 -5.71 0.91
N TYR B 18 3.22 -5.98 -0.38
CA TYR B 18 4.29 -5.74 -1.35
C TYR B 18 4.76 -4.30 -1.31
N TYR B 19 3.80 -3.36 -1.35
CA TYR B 19 4.16 -1.95 -1.30
C TYR B 19 4.75 -1.57 0.05
N LYS B 20 4.40 -2.31 1.10
CA LYS B 20 4.94 -2.00 2.41
C LYS B 20 6.41 -2.43 2.42
N LYS B 21 6.68 -3.63 1.91
CA LYS B 21 8.05 -4.13 1.83
C LYS B 21 8.88 -3.21 0.93
N TYR B 22 8.30 -2.82 -0.19
CA TYR B 22 8.94 -1.91 -1.13
C TYR B 22 9.53 -0.75 -0.32
N ILE B 23 8.70 -0.15 0.52
CA ILE B 23 9.11 0.98 1.36
C ILE B 23 10.23 0.57 2.32
N GLU B 24 9.98 -0.51 3.06
CA GLU B 24 10.95 -1.04 4.01
C GLU B 24 12.31 -1.29 3.39
N ILE B 25 12.31 -2.08 2.30
CA ILE B 25 13.53 -2.43 1.59
C ILE B 25 14.25 -1.17 1.06
N SER B 26 13.50 -0.31 0.40
CA SER B 26 14.10 0.92 -0.14
C SER B 26 14.82 1.73 0.94
N ARG B 27 14.24 1.77 2.14
CA ARG B 27 14.83 2.50 3.26
C ARG B 27 16.11 1.83 3.77
N GLU B 28 16.21 0.53 3.57
CA GLU B 28 17.37 -0.26 3.98
C GLU B 28 18.52 -0.17 3.01
N LYS B 29 18.20 -0.23 1.73
CA LYS B 29 19.19 -0.20 0.66
C LYS B 29 19.67 1.18 0.18
N PHE B 30 18.76 2.14 0.08
CA PHE B 30 19.14 3.47 -0.40
C PHE B 30 19.09 4.58 0.65
N GLU B 31 19.49 5.78 0.22
CA GLU B 31 19.51 6.96 1.08
C GLU B 31 18.08 7.39 1.39
N LYS B 32 17.95 8.27 2.39
CA LYS B 32 16.64 8.77 2.80
C LYS B 32 15.84 9.39 1.65
N TYR B 33 14.53 9.24 1.71
CA TYR B 33 13.60 9.78 0.72
C TYR B 33 13.66 9.10 -0.64
N PHE B 34 14.71 8.30 -0.87
CA PHE B 34 14.89 7.60 -2.13
C PHE B 34 14.06 6.34 -2.28
N TYR B 35 13.29 6.27 -3.38
CA TYR B 35 12.45 5.12 -3.68
C TYR B 35 12.35 4.93 -5.19
N PRO B 36 12.85 3.81 -5.72
CA PRO B 36 12.79 3.54 -7.17
C PRO B 36 11.36 3.56 -7.68
N GLU B 37 11.15 4.24 -8.81
CA GLU B 37 9.83 4.33 -9.41
C GLU B 37 9.12 2.99 -9.52
N LEU B 38 7.86 2.99 -9.11
CA LEU B 38 7.05 1.80 -9.09
C LEU B 38 5.64 2.14 -9.56
N ILE B 39 5.14 1.35 -10.51
CA ILE B 39 3.80 1.53 -11.02
C ILE B 39 3.00 0.31 -10.55
N ILE B 40 1.81 0.55 -9.99
CA ILE B 40 0.96 -0.55 -9.50
C ILE B 40 -0.41 -0.58 -10.17
N TYR B 41 -0.73 -1.68 -10.85
CA TYR B 41 -2.05 -1.82 -11.47
C TYR B 41 -2.89 -2.74 -10.57
N SER B 42 -3.89 -2.17 -9.92
CA SER B 42 -4.73 -2.97 -9.01
C SER B 42 -6.03 -3.32 -9.72
N ILE B 43 -6.15 -4.58 -10.11
CA ILE B 43 -7.35 -5.06 -10.82
C ILE B 43 -8.54 -5.29 -9.90
N ASN B 44 -9.73 -5.38 -10.50
CA ASN B 44 -10.97 -5.64 -9.77
C ASN B 44 -10.97 -7.13 -9.45
N PHE B 45 -10.60 -7.47 -8.22
CA PHE B 45 -10.51 -8.86 -7.78
C PHE B 45 -11.72 -9.73 -8.11
N LYS B 46 -12.92 -9.17 -8.00
CA LYS B 46 -14.13 -9.93 -8.30
C LYS B 46 -14.17 -10.43 -9.75
N GLU B 47 -13.73 -9.60 -10.68
CA GLU B 47 -13.72 -10.00 -12.08
C GLU B 47 -12.66 -11.09 -12.31
N PHE B 48 -11.65 -11.11 -11.45
CA PHE B 48 -10.57 -12.09 -11.54
C PHE B 48 -10.96 -13.37 -10.84
N PHE B 49 -11.19 -13.26 -9.54
CA PHE B 49 -11.54 -14.39 -8.70
C PHE B 49 -12.75 -15.21 -9.18
N GLN B 50 -13.85 -14.52 -9.52
CA GLN B 50 -15.05 -15.19 -9.99
C GLN B 50 -15.21 -14.92 -11.48
N ASN B 51 -14.21 -15.31 -12.27
CA ASN B 51 -14.28 -15.10 -13.71
C ASN B 51 -15.05 -16.26 -14.35
N PRO B 52 -16.09 -15.94 -15.12
CA PRO B 52 -16.87 -17.00 -15.75
C PRO B 52 -16.09 -17.79 -16.80
N GLU B 53 -14.96 -17.26 -17.27
CA GLU B 53 -14.17 -17.98 -18.27
C GLU B 53 -12.99 -18.67 -17.61
N GLY B 54 -13.03 -18.79 -16.29
CA GLY B 54 -11.94 -19.44 -15.59
C GLY B 54 -10.58 -18.81 -15.83
N TRP B 55 -9.54 -19.64 -15.90
CA TRP B 55 -8.18 -19.16 -16.13
C TRP B 55 -8.03 -18.48 -17.47
N GLU B 56 -8.82 -18.91 -18.45
CA GLU B 56 -8.78 -18.31 -19.76
C GLU B 56 -9.06 -16.83 -19.57
N GLY B 57 -10.03 -16.53 -18.71
CA GLY B 57 -10.40 -15.16 -18.44
C GLY B 57 -9.36 -14.43 -17.59
N ARG B 58 -8.85 -15.10 -16.55
CA ARG B 58 -7.87 -14.49 -15.70
C ARG B 58 -6.64 -14.07 -16.51
N LYS B 59 -6.19 -14.95 -17.40
CA LYS B 59 -5.02 -14.61 -18.19
C LYS B 59 -5.25 -13.31 -18.96
N LYS B 60 -6.46 -13.13 -19.50
CA LYS B 60 -6.76 -11.92 -20.26
C LYS B 60 -6.57 -10.67 -19.40
N ILE B 61 -7.09 -10.73 -18.16
CA ILE B 61 -7.02 -9.65 -17.18
C ILE B 61 -5.58 -9.35 -16.79
N LEU B 62 -4.79 -10.41 -16.56
CA LEU B 62 -3.38 -10.24 -16.18
C LEU B 62 -2.55 -9.64 -17.32
N ILE B 63 -2.77 -10.13 -18.53
CA ILE B 63 -2.07 -9.66 -19.71
C ILE B 63 -2.44 -8.19 -20.00
N ASN B 64 -3.70 -7.84 -19.79
CA ASN B 64 -4.14 -6.47 -20.03
C ASN B 64 -3.52 -5.52 -19.01
N ALA B 65 -3.47 -5.95 -17.75
CA ALA B 65 -2.88 -5.15 -16.69
C ALA B 65 -1.39 -5.01 -16.97
N ALA B 66 -0.80 -6.04 -17.58
CA ALA B 66 0.62 -5.94 -17.89
C ALA B 66 0.79 -4.93 -19.01
N LYS B 67 -0.01 -5.03 -20.07
CA LYS B 67 0.13 -4.06 -21.16
C LYS B 67 -0.11 -2.63 -20.67
N ALA B 68 -0.97 -2.46 -19.67
CA ALA B 68 -1.22 -1.13 -19.14
C ALA B 68 0.07 -0.60 -18.52
N LEU B 69 0.70 -1.41 -17.67
CA LEU B 69 1.95 -1.02 -17.01
C LEU B 69 3.02 -0.71 -18.06
N GLU B 70 3.09 -1.52 -19.10
CA GLU B 70 4.06 -1.27 -20.17
C GLU B 70 3.80 0.11 -20.77
N ARG B 71 2.54 0.45 -21.02
CA ARG B 71 2.27 1.79 -21.57
C ARG B 71 2.66 2.89 -20.60
N ALA B 72 2.52 2.63 -19.29
CA ALA B 72 2.88 3.61 -18.28
C ALA B 72 4.39 3.78 -18.21
N GLY B 73 5.13 2.83 -18.76
CA GLY B 73 6.57 2.91 -18.73
C GLY B 73 7.27 1.87 -17.88
N ALA B 74 6.57 0.80 -17.51
CA ALA B 74 7.20 -0.24 -16.71
C ALA B 74 8.10 -1.07 -17.61
N GLU B 75 9.32 -1.32 -17.14
CA GLU B 75 10.29 -2.10 -17.92
C GLU B 75 10.48 -3.46 -17.25
N LEU B 76 9.97 -3.60 -16.03
CA LEU B 76 10.11 -4.83 -15.27
C LEU B 76 8.78 -5.07 -14.55
N ILE B 77 8.15 -6.22 -14.84
CA ILE B 77 6.83 -6.52 -14.27
C ILE B 77 6.73 -7.81 -13.44
N ALA B 78 5.88 -7.77 -12.41
CA ALA B 78 5.72 -8.95 -11.58
C ALA B 78 4.34 -9.00 -10.95
N PHE B 79 3.91 -10.21 -10.62
CA PHE B 79 2.61 -10.42 -10.00
C PHE B 79 2.76 -10.16 -8.50
N ALA B 80 1.80 -9.48 -7.89
CA ALA B 80 1.87 -9.25 -6.45
C ALA B 80 1.03 -10.31 -5.75
N ALA B 81 1.33 -11.58 -6.03
CA ALA B 81 0.61 -12.70 -5.45
C ALA B 81 1.22 -14.03 -5.88
N ASN B 82 0.70 -15.12 -5.33
CA ASN B 82 1.21 -16.45 -5.64
C ASN B 82 0.48 -17.20 -6.75
N THR B 83 -0.80 -17.50 -6.52
CA THR B 83 -1.60 -18.27 -7.47
C THR B 83 -1.51 -17.77 -8.94
N PRO B 84 -1.56 -16.46 -9.17
CA PRO B 84 -1.46 -16.02 -10.57
C PRO B 84 -0.22 -16.60 -11.28
N HIS B 85 0.79 -17.05 -10.52
CA HIS B 85 1.99 -17.64 -11.14
C HIS B 85 1.69 -18.97 -11.85
N LEU B 86 0.45 -19.44 -11.76
CA LEU B 86 0.07 -20.69 -12.40
C LEU B 86 0.01 -20.48 -13.91
N VAL B 87 -0.05 -19.22 -14.34
CA VAL B 87 -0.10 -18.90 -15.76
C VAL B 87 0.98 -17.87 -16.11
N PHE B 88 2.08 -17.94 -15.35
CA PHE B 88 3.21 -17.05 -15.54
C PHE B 88 3.73 -17.13 -16.98
N ASP B 89 4.07 -18.34 -17.41
CA ASP B 89 4.59 -18.56 -18.77
C ASP B 89 3.67 -17.96 -19.82
N ASP B 90 2.36 -18.17 -19.66
CA ASP B 90 1.39 -17.64 -20.61
C ASP B 90 1.41 -16.13 -20.65
N VAL B 91 1.61 -15.48 -19.51
CA VAL B 91 1.64 -14.03 -19.47
C VAL B 91 2.92 -13.49 -20.10
N GLN B 92 4.07 -14.07 -19.75
CA GLN B 92 5.34 -13.64 -20.32
C GLN B 92 5.31 -13.66 -21.83
N ARG B 93 4.70 -14.69 -22.39
CA ARG B 93 4.62 -14.80 -23.84
C ARG B 93 4.03 -13.54 -24.46
N GLU B 94 2.93 -13.06 -23.88
CA GLU B 94 2.24 -11.88 -24.40
C GLU B 94 2.68 -10.55 -23.81
N VAL B 95 3.80 -10.53 -23.10
CA VAL B 95 4.32 -9.32 -22.48
C VAL B 95 5.71 -9.00 -23.02
N ASN B 96 5.83 -7.82 -23.62
CA ASN B 96 7.09 -7.42 -24.22
C ASN B 96 8.09 -6.81 -23.24
N VAL B 97 8.08 -7.32 -22.02
CA VAL B 97 8.99 -6.85 -21.00
C VAL B 97 9.29 -8.01 -20.07
N PRO B 98 10.53 -8.10 -19.58
CA PRO B 98 10.87 -9.21 -18.69
C PRO B 98 10.03 -9.18 -17.40
N MET B 99 9.58 -10.35 -16.97
CA MET B 99 8.80 -10.47 -15.74
C MET B 99 9.66 -11.25 -14.74
N VAL B 100 9.37 -11.11 -13.45
CA VAL B 100 10.14 -11.83 -12.44
C VAL B 100 9.19 -12.70 -11.60
N SER B 101 9.42 -14.01 -11.64
CA SER B 101 8.61 -14.99 -10.92
C SER B 101 8.98 -15.04 -9.44
N ILE B 102 8.00 -15.22 -8.57
CA ILE B 102 8.28 -15.27 -7.15
C ILE B 102 9.09 -16.53 -6.83
N ILE B 103 8.76 -17.62 -7.48
CA ILE B 103 9.45 -18.89 -7.29
C ILE B 103 10.96 -18.72 -7.51
N ASP B 104 11.33 -18.25 -8.70
CA ASP B 104 12.72 -18.03 -9.03
C ASP B 104 13.41 -17.23 -7.96
N ALA B 105 12.77 -16.14 -7.55
CA ALA B 105 13.31 -15.28 -6.53
C ALA B 105 13.50 -16.00 -5.20
N VAL B 106 12.47 -16.68 -4.72
CA VAL B 106 12.58 -17.38 -3.45
C VAL B 106 13.61 -18.51 -3.56
N ALA B 107 13.50 -19.30 -4.64
CA ALA B 107 14.43 -20.39 -4.87
C ALA B 107 15.90 -19.92 -4.95
N GLU B 108 16.14 -18.75 -5.55
CA GLU B 108 17.50 -18.24 -5.66
C GLU B 108 18.04 -17.77 -4.31
N GLU B 109 17.17 -17.17 -3.49
CA GLU B 109 17.60 -16.68 -2.18
C GLU B 109 17.79 -17.86 -1.24
N ILE B 110 16.93 -18.87 -1.38
CA ILE B 110 17.04 -20.06 -0.55
C ILE B 110 18.35 -20.80 -0.84
N LEU B 111 18.65 -21.00 -2.12
CA LEU B 111 19.87 -21.69 -2.52
C LEU B 111 21.12 -20.91 -2.15
N LYS B 112 21.00 -19.58 -2.13
CA LYS B 112 22.09 -18.68 -1.82
C LYS B 112 22.49 -18.73 -0.35
N ARG B 113 21.53 -19.07 0.50
CA ARG B 113 21.79 -19.15 1.92
C ARG B 113 22.29 -20.52 2.34
N GLY B 114 22.42 -21.41 1.36
CA GLY B 114 22.92 -22.74 1.65
C GLY B 114 21.92 -23.85 1.87
N VAL B 115 20.67 -23.52 2.21
CA VAL B 115 19.72 -24.58 2.46
C VAL B 115 19.29 -25.26 1.17
N ARG B 116 18.97 -26.54 1.27
CA ARG B 116 18.59 -27.35 0.13
C ARG B 116 17.29 -28.07 0.41
N LYS B 117 16.92 -28.08 1.69
CA LYS B 117 15.69 -28.72 2.14
C LYS B 117 14.95 -27.70 3.02
N VAL B 118 13.72 -27.37 2.64
CA VAL B 118 12.92 -26.40 3.38
C VAL B 118 11.46 -26.79 3.58
N LEU B 119 10.85 -26.19 4.60
CA LEU B 119 9.45 -26.42 4.95
C LEU B 119 8.65 -25.29 4.30
N LEU B 120 7.61 -25.64 3.56
CA LEU B 120 6.76 -24.65 2.90
C LEU B 120 5.46 -24.44 3.65
N LEU B 121 5.39 -23.36 4.44
CA LEU B 121 4.19 -23.04 5.21
C LEU B 121 3.36 -22.00 4.46
N GLY B 122 2.21 -21.66 5.03
CA GLY B 122 1.32 -20.68 4.42
C GLY B 122 -0.10 -21.17 4.46
N THR B 123 -0.98 -20.56 3.67
CA THR B 123 -2.38 -20.96 3.64
C THR B 123 -2.48 -22.42 3.21
N LYS B 124 -3.67 -23.00 3.32
CA LYS B 124 -3.86 -24.39 2.93
C LYS B 124 -3.58 -24.54 1.45
N THR B 125 -4.01 -23.57 0.66
CA THR B 125 -3.79 -23.61 -0.77
C THR B 125 -2.30 -23.42 -1.08
N THR B 126 -1.61 -22.77 -0.15
CA THR B 126 -0.18 -22.51 -0.29
C THR B 126 0.69 -23.73 -0.03
N MET B 127 0.24 -24.57 0.90
CA MET B 127 0.97 -25.78 1.25
C MET B 127 0.50 -26.96 0.39
N THR B 128 -0.40 -26.66 -0.54
CA THR B 128 -0.95 -27.68 -1.43
C THR B 128 -0.75 -27.36 -2.90
N ALA B 129 -0.28 -26.14 -3.18
CA ALA B 129 -0.06 -25.71 -4.56
C ALA B 129 0.98 -26.60 -5.24
N ASP B 130 0.52 -27.69 -5.85
CA ASP B 130 1.42 -28.61 -6.51
C ASP B 130 2.38 -27.89 -7.45
N PHE B 131 1.85 -26.94 -8.21
CA PHE B 131 2.65 -26.15 -9.15
C PHE B 131 3.83 -25.46 -8.46
N TYR B 132 3.53 -24.82 -7.34
CA TYR B 132 4.52 -24.11 -6.55
C TYR B 132 5.61 -25.05 -6.04
N ILE B 133 5.19 -26.13 -5.36
CA ILE B 133 6.11 -27.10 -4.80
C ILE B 133 7.00 -27.77 -5.85
N LYS B 134 6.38 -28.15 -6.96
CA LYS B 134 7.10 -28.79 -8.06
C LYS B 134 8.14 -27.86 -8.70
N THR B 135 7.69 -26.69 -9.12
CA THR B 135 8.56 -25.71 -9.75
C THR B 135 9.71 -25.33 -8.82
N LEU B 136 9.46 -25.41 -7.52
CA LEU B 136 10.46 -25.07 -6.53
C LEU B 136 11.48 -26.19 -6.39
N GLU B 137 11.02 -27.42 -6.56
CA GLU B 137 11.91 -28.56 -6.43
C GLU B 137 12.80 -28.76 -7.65
N GLU B 138 12.28 -28.43 -8.83
CA GLU B 138 13.05 -28.58 -10.06
C GLU B 138 14.25 -27.63 -10.06
N LYS B 139 14.18 -26.59 -9.23
CA LYS B 139 15.25 -25.61 -9.12
C LYS B 139 16.43 -26.18 -8.34
N GLY B 140 16.25 -27.37 -7.75
CA GLY B 140 17.30 -28.01 -6.99
C GLY B 140 17.09 -27.91 -5.49
N LEU B 141 15.83 -28.05 -5.07
CA LEU B 141 15.49 -27.97 -3.65
C LEU B 141 14.59 -29.10 -3.21
N GLU B 142 14.59 -29.37 -1.91
CA GLU B 142 13.76 -30.42 -1.35
C GLU B 142 12.66 -29.73 -0.54
N VAL B 143 11.43 -29.80 -1.04
CA VAL B 143 10.31 -29.15 -0.37
C VAL B 143 9.47 -30.14 0.44
N VAL B 144 9.21 -29.79 1.69
CA VAL B 144 8.41 -30.61 2.59
C VAL B 144 7.24 -29.81 3.14
N VAL B 145 6.05 -30.41 3.17
CA VAL B 145 4.86 -29.73 3.68
C VAL B 145 4.26 -30.46 4.88
N PRO B 146 3.78 -29.71 5.90
CA PRO B 146 3.19 -30.32 7.09
C PRO B 146 1.99 -31.23 6.75
N ASN B 147 1.55 -32.03 7.73
CA ASN B 147 0.42 -32.94 7.52
C ASN B 147 -0.90 -32.19 7.55
N ASP B 148 -1.96 -32.82 7.02
CA ASP B 148 -3.29 -32.21 6.97
C ASP B 148 -3.77 -31.71 8.33
N GLU B 149 -3.44 -32.45 9.39
CA GLU B 149 -3.82 -32.08 10.74
C GLU B 149 -3.20 -30.73 11.12
N GLU B 150 -1.89 -30.59 10.86
CA GLU B 150 -1.19 -29.36 11.16
C GLU B 150 -1.55 -28.23 10.18
N LYS B 151 -1.92 -28.60 8.95
CA LYS B 151 -2.31 -27.62 7.94
C LYS B 151 -3.53 -26.82 8.39
N GLU B 152 -4.62 -27.55 8.64
CA GLU B 152 -5.88 -26.95 9.07
C GLU B 152 -5.68 -26.06 10.31
N GLU B 153 -4.87 -26.54 11.24
CA GLU B 153 -4.60 -25.78 12.45
C GLU B 153 -3.89 -24.46 12.14
N LEU B 154 -2.79 -24.57 11.39
CA LEU B 154 -2.00 -23.39 11.02
C LEU B 154 -2.82 -22.41 10.18
N ASN B 155 -3.49 -22.92 9.16
CA ASN B 155 -4.31 -22.07 8.31
C ASN B 155 -5.37 -21.35 9.16
N ARG B 156 -6.01 -22.11 10.05
CA ARG B 156 -7.04 -21.61 10.95
C ARG B 156 -6.48 -20.40 11.70
N ILE B 157 -5.30 -20.57 12.30
CA ILE B 157 -4.64 -19.49 13.05
C ILE B 157 -4.32 -18.30 12.14
N ILE B 158 -4.10 -18.59 10.86
CA ILE B 158 -3.77 -17.56 9.88
C ILE B 158 -5.01 -16.77 9.48
N PHE B 159 -6.06 -17.50 9.11
CA PHE B 159 -7.30 -16.85 8.70
C PHE B 159 -8.05 -16.26 9.88
N GLU B 160 -7.64 -16.60 11.10
CA GLU B 160 -8.29 -16.09 12.29
C GLU B 160 -7.40 -15.16 13.12
N GLU B 161 -6.62 -15.74 14.03
CA GLU B 161 -5.73 -14.99 14.91
C GLU B 161 -4.80 -14.00 14.21
N LEU B 162 -3.85 -14.52 13.45
CA LEU B 162 -2.86 -13.70 12.73
C LEU B 162 -3.49 -12.63 11.84
N ALA B 163 -4.42 -13.02 10.98
CA ALA B 163 -5.10 -12.10 10.07
C ALA B 163 -5.57 -10.83 10.80
N PHE B 164 -6.10 -11.01 12.01
CA PHE B 164 -6.60 -9.89 12.80
C PHE B 164 -5.57 -9.37 13.79
N GLY B 165 -4.30 -9.53 13.42
CA GLY B 165 -3.20 -9.07 14.26
C GLY B 165 -3.08 -9.70 15.63
N ASN B 166 -3.67 -10.88 15.80
CA ASN B 166 -3.63 -11.57 17.09
C ASN B 166 -2.55 -12.65 17.08
N LEU B 167 -1.38 -12.32 17.63
CA LEU B 167 -0.26 -13.23 17.68
C LEU B 167 -0.18 -13.99 19.02
N LYS B 168 -1.29 -14.64 19.38
CA LYS B 168 -1.36 -15.40 20.63
C LYS B 168 -0.78 -16.79 20.43
N ASN B 169 -1.07 -17.40 19.29
CA ASN B 169 -0.57 -18.73 18.97
C ASN B 169 0.67 -18.71 18.10
N LYS B 170 1.62 -17.83 18.47
CA LYS B 170 2.88 -17.70 17.76
C LYS B 170 3.79 -18.84 18.17
N GLU B 171 3.76 -19.16 19.45
CA GLU B 171 4.58 -20.23 20.01
C GLU B 171 4.25 -21.58 19.39
N TRP B 172 3.00 -21.76 18.99
CA TRP B 172 2.59 -23.02 18.39
C TRP B 172 3.27 -23.21 17.04
N ILE B 173 3.32 -22.14 16.26
CA ILE B 173 3.93 -22.19 14.95
C ILE B 173 5.45 -22.37 15.08
N VAL B 174 6.03 -21.68 16.06
CA VAL B 174 7.45 -21.78 16.33
C VAL B 174 7.84 -23.24 16.62
N ARG B 175 7.01 -23.93 17.39
CA ARG B 175 7.30 -25.32 17.73
C ARG B 175 7.20 -26.19 16.47
N LEU B 176 6.13 -26.00 15.70
CA LEU B 176 5.92 -26.75 14.47
C LEU B 176 7.13 -26.70 13.56
N ILE B 177 7.75 -25.53 13.46
CA ILE B 177 8.93 -25.37 12.61
C ILE B 177 10.14 -26.11 13.18
N GLU B 178 10.50 -25.80 14.42
CA GLU B 178 11.66 -26.45 15.04
C GLU B 178 11.39 -27.94 15.19
N LYS B 179 10.12 -28.32 15.04
CA LYS B 179 9.71 -29.71 15.11
C LYS B 179 10.24 -30.43 13.89
N TYR B 180 9.96 -29.86 12.72
CA TYR B 180 10.42 -30.47 11.47
C TYR B 180 11.94 -30.38 11.30
N ARG B 181 12.56 -29.48 12.05
CA ARG B 181 14.01 -29.32 11.98
C ARG B 181 14.64 -30.65 12.40
N GLU B 182 14.10 -31.24 13.46
CA GLU B 182 14.62 -32.52 13.94
C GLU B 182 13.91 -33.69 13.26
N SER B 183 12.63 -33.49 12.94
CA SER B 183 11.79 -34.49 12.27
C SER B 183 12.40 -34.89 10.93
N GLU B 184 12.10 -34.13 9.88
CA GLU B 184 12.61 -34.41 8.55
C GLU B 184 13.86 -33.57 8.23
N GLY B 185 14.44 -32.98 9.26
CA GLY B 185 15.64 -32.19 9.10
C GLY B 185 15.62 -31.13 8.01
N ILE B 186 14.93 -30.02 8.28
CA ILE B 186 14.87 -28.93 7.34
C ILE B 186 15.88 -27.92 7.80
N GLU B 187 16.26 -27.02 6.89
CA GLU B 187 17.26 -26.01 7.17
C GLU B 187 16.68 -24.61 6.99
N GLY B 188 15.41 -24.56 6.62
CA GLY B 188 14.74 -23.29 6.42
C GLY B 188 13.24 -23.49 6.26
N VAL B 189 12.49 -22.39 6.28
CA VAL B 189 11.04 -22.46 6.12
C VAL B 189 10.57 -21.33 5.20
N ILE B 190 9.65 -21.64 4.29
CA ILE B 190 9.14 -20.60 3.39
C ILE B 190 7.78 -20.14 3.90
N LEU B 191 7.54 -18.84 3.86
CA LEU B 191 6.27 -18.28 4.29
C LEU B 191 5.49 -17.86 3.04
N GLY B 192 4.70 -18.77 2.49
CA GLY B 192 3.94 -18.46 1.29
C GLY B 192 2.93 -17.32 1.36
N CYS B 193 2.28 -17.14 2.50
CA CYS B 193 1.30 -16.06 2.62
C CYS B 193 1.96 -14.81 3.16
N THR B 194 1.19 -13.74 3.29
CA THR B 194 1.73 -12.48 3.79
C THR B 194 1.37 -12.25 5.25
N GLU B 195 0.64 -13.19 5.82
CA GLU B 195 0.22 -13.10 7.23
C GLU B 195 1.24 -13.77 8.14
N LEU B 196 1.66 -14.98 7.78
CA LEU B 196 2.62 -15.75 8.56
C LEU B 196 3.86 -14.98 9.02
N PRO B 197 4.49 -14.21 8.13
CA PRO B 197 5.68 -13.46 8.54
C PRO B 197 5.43 -12.47 9.68
N LEU B 198 4.17 -12.26 10.02
CA LEU B 198 3.82 -11.32 11.08
C LEU B 198 3.99 -11.96 12.47
N ALA B 199 4.08 -13.30 12.48
CA ALA B 199 4.24 -14.05 13.72
C ALA B 199 5.55 -14.82 13.79
N ILE B 200 6.29 -14.86 12.67
CA ILE B 200 7.57 -15.57 12.61
C ILE B 200 8.68 -14.75 11.96
N LYS B 201 9.77 -14.59 12.68
CA LYS B 201 10.93 -13.83 12.21
C LYS B 201 12.21 -14.65 12.33
N GLN B 202 13.36 -14.03 12.09
CA GLN B 202 14.65 -14.73 12.16
C GLN B 202 15.03 -15.30 13.52
N GLY B 203 15.34 -14.43 14.48
CA GLY B 203 15.74 -14.88 15.80
C GLY B 203 14.70 -15.68 16.58
N ASP B 204 13.67 -16.15 15.88
CA ASP B 204 12.59 -16.91 16.50
C ASP B 204 12.83 -18.42 16.41
N VAL B 205 13.25 -18.87 15.24
CA VAL B 205 13.49 -20.28 15.02
C VAL B 205 14.97 -20.57 14.76
N SER B 206 15.31 -21.86 14.68
CA SER B 206 16.70 -22.26 14.46
C SER B 206 17.03 -22.31 12.98
N VAL B 207 16.01 -22.47 12.14
CA VAL B 207 16.22 -22.53 10.70
C VAL B 207 16.20 -21.14 10.07
N GLU B 208 16.32 -21.12 8.74
CA GLU B 208 16.31 -19.87 7.98
C GLU B 208 14.87 -19.46 7.65
N VAL B 209 14.56 -18.19 7.87
CA VAL B 209 13.22 -17.66 7.62
C VAL B 209 13.14 -16.98 6.25
N PHE B 210 12.25 -17.45 5.38
CA PHE B 210 12.11 -16.87 4.06
C PHE B 210 10.75 -16.19 3.83
N ASP B 211 10.75 -14.85 3.79
CA ASP B 211 9.52 -14.10 3.54
C ASP B 211 9.32 -14.06 2.04
N SER B 212 8.47 -14.94 1.56
CA SER B 212 8.15 -15.09 0.14
C SER B 212 7.86 -13.74 -0.54
N ALA B 213 7.02 -12.91 0.06
CA ALA B 213 6.71 -11.63 -0.55
C ALA B 213 7.87 -10.65 -0.47
N GLU B 214 8.56 -10.63 0.67
CA GLU B 214 9.69 -9.72 0.84
C GLU B 214 10.80 -10.02 -0.16
N ILE B 215 11.12 -11.31 -0.30
CA ILE B 215 12.16 -11.77 -1.22
C ILE B 215 11.85 -11.42 -2.67
N HIS B 216 10.57 -11.47 -3.01
CA HIS B 216 10.15 -11.14 -4.35
C HIS B 216 10.42 -9.66 -4.63
N MET B 217 10.06 -8.80 -3.68
CA MET B 217 10.28 -7.36 -3.85
C MET B 217 11.77 -6.98 -3.84
N ARG B 218 12.59 -7.69 -3.07
CA ARG B 218 14.03 -7.35 -3.06
C ARG B 218 14.58 -7.62 -4.46
N LYS B 219 14.14 -8.71 -5.07
CA LYS B 219 14.60 -9.08 -6.40
C LYS B 219 14.24 -7.95 -7.37
N LEU B 220 12.96 -7.61 -7.41
CA LEU B 220 12.42 -6.54 -8.24
C LEU B 220 13.24 -5.26 -8.17
N ILE B 221 13.47 -4.81 -6.94
CA ILE B 221 14.23 -3.61 -6.64
C ILE B 221 15.71 -3.76 -7.02
N GLU B 222 16.27 -4.94 -6.80
CA GLU B 222 17.67 -5.14 -7.14
C GLU B 222 17.86 -5.02 -8.65
N LEU B 223 17.08 -5.79 -9.42
CA LEU B 223 17.14 -5.76 -10.89
C LEU B 223 16.81 -4.38 -11.46
N ALA B 224 16.00 -3.62 -10.74
CA ALA B 224 15.63 -2.28 -11.21
C ALA B 224 16.73 -1.29 -10.85
N SER B 225 17.58 -1.65 -9.89
CA SER B 225 18.64 -0.74 -9.47
C SER B 225 19.95 -1.00 -10.20
N GLU B 226 19.98 -2.03 -11.05
CA GLU B 226 21.21 -2.34 -11.78
C GLU B 226 21.24 -1.61 -13.11
#